data_9UB6
#
_entry.id   9UB6
#
_cell.length_a   172.710
_cell.length_b   172.710
_cell.length_c   136.030
_cell.angle_alpha   90.000
_cell.angle_beta   90.000
_cell.angle_gamma   120.000
#
_symmetry.space_group_name_H-M   'P 62 2 2'
#
loop_
_entity.id
_entity.type
_entity.pdbx_description
1 polymer 'Glycoprotein N'
2 polymer 'Nanobody VHH261'
3 branched alpha-D-mannopyranose-(1-3)-[alpha-D-mannopyranose-(1-6)]beta-D-mannopyranose-(1-4)-2-acetamido-2-deoxy-beta-D-glucopyranose-(1-4)-2-acetamido-2-deoxy-beta-D-glucopyranose
4 non-polymer 2-acetamido-2-deoxy-beta-D-glucopyranose
#
loop_
_entity_poly.entity_id
_entity_poly.type
_entity_poly.pdbx_seq_one_letter_code
_entity_poly.pdbx_strand_id
1 'polypeptide(L)'
;GPIICAGPIHSNKSADIPHLLGYSEKICQIDRLIHVSSWLRNHSQFQGYVGQRGGRSQVSYYPAENSYSRWSGLLSPCDA
DWLGMLVVKKAKGSDMIVPGPSYKGKVFFERPTFDGYVGWGCGSGKSRTESGELCSSDSGTSSGLLPSDRVLWIGDVACQ
PMTPIPEETFLELKSFSQSEFPDICKIDGIVFNQCEGESLPQPFDVAWMDVGHSHKIIMREHKTKWVQESSSKDFVCYKE
GTGPCSESEEKTCKTSGSCRGDMQFCKVAGCEHGEEASEAKCRCSLVHKPGEVVVSYGGMRVRPKCYGFSRMMATLEV
;
A
2 'polypeptide(L)'
;AVQLVESGGGLVQPGGSLRLSCAASGFTISNADMRWYRQAPGKERELVALLLSSLGGSTEYADSVKGRFTMFRDNARNTV
YLQMDNLKAEDTAVYYCNVRWTDYWGQGTQVTVSS
;
B
#
# COMPACT_ATOMS: atom_id res chain seq x y z
N GLY A 1 -10.18 -12.52 -15.40
CA GLY A 1 -11.10 -13.34 -14.59
C GLY A 1 -10.51 -13.92 -13.30
N PRO A 2 -11.25 -14.82 -12.64
CA PRO A 2 -10.78 -15.43 -11.40
C PRO A 2 -9.92 -16.67 -11.64
N ILE A 3 -9.21 -17.08 -10.58
CA ILE A 3 -8.32 -18.25 -10.67
C ILE A 3 -9.09 -19.55 -10.47
N ILE A 4 -9.91 -19.62 -9.41
CA ILE A 4 -10.80 -20.74 -9.12
C ILE A 4 -12.21 -20.23 -8.96
N CYS A 5 -12.36 -19.34 -7.98
CA CYS A 5 -13.66 -19.03 -7.38
C CYS A 5 -14.23 -17.76 -7.96
N ALA A 6 -15.48 -17.84 -8.42
CA ALA A 6 -16.22 -16.68 -8.86
C ALA A 6 -16.51 -15.76 -7.69
N GLY A 7 -16.64 -14.47 -7.98
CA GLY A 7 -16.70 -13.43 -6.97
C GLY A 7 -17.65 -13.71 -5.82
N PRO A 8 -17.35 -13.15 -4.65
CA PRO A 8 -18.13 -13.46 -3.44
C PRO A 8 -19.42 -12.67 -3.35
N ILE A 9 -20.49 -13.37 -2.98
CA ILE A 9 -21.72 -12.74 -2.52
C ILE A 9 -21.81 -13.07 -1.03
N HIS A 10 -21.52 -12.08 -0.18
CA HIS A 10 -21.56 -12.26 1.27
C HIS A 10 -22.93 -11.85 1.83
N SER A 11 -23.26 -12.37 3.01
CA SER A 11 -24.41 -11.89 3.77
C SER A 11 -24.07 -11.43 5.18
N ASN A 12 -23.21 -12.16 5.91
CA ASN A 12 -22.90 -11.88 7.31
C ASN A 12 -21.66 -11.00 7.37
N LYS A 13 -21.87 -9.68 7.50
CA LYS A 13 -20.82 -8.72 7.87
C LYS A 13 -19.94 -9.28 8.98
N SER A 14 -20.57 -10.01 9.90
CA SER A 14 -19.94 -10.50 11.12
C SER A 14 -19.45 -11.94 11.00
N ALA A 15 -19.53 -12.54 9.81
CA ALA A 15 -19.03 -13.89 9.64
C ALA A 15 -17.53 -13.92 9.91
N ASP A 16 -17.07 -14.97 10.61
CA ASP A 16 -15.63 -15.11 10.81
C ASP A 16 -14.95 -15.39 9.47
N ILE A 17 -13.65 -15.17 9.45
CA ILE A 17 -12.82 -15.49 8.30
C ILE A 17 -11.93 -16.67 8.68
N PRO A 18 -12.19 -17.88 8.18
CA PRO A 18 -11.42 -19.05 8.62
C PRO A 18 -10.01 -19.04 8.09
N HIS A 19 -9.09 -19.60 8.86
CA HIS A 19 -7.80 -19.95 8.29
C HIS A 19 -7.97 -21.27 7.57
N LEU A 20 -7.93 -21.23 6.24
CA LEU A 20 -7.97 -22.45 5.43
C LEU A 20 -6.54 -22.87 5.11
N LEU A 21 -6.29 -24.17 5.18
CA LEU A 21 -4.92 -24.67 5.08
C LEU A 21 -4.55 -25.17 3.69
N GLY A 22 -5.53 -25.59 2.89
CA GLY A 22 -5.25 -26.01 1.53
C GLY A 22 -4.81 -24.83 0.67
N TYR A 23 -3.87 -25.12 -0.24
CA TYR A 23 -3.37 -24.07 -1.13
C TYR A 23 -4.48 -23.54 -2.02
N SER A 24 -5.22 -24.44 -2.66
CA SER A 24 -6.33 -24.01 -3.50
C SER A 24 -7.41 -23.32 -2.69
N GLU A 25 -7.65 -23.75 -1.45
CA GLU A 25 -8.54 -23.01 -0.57
C GLU A 25 -8.04 -21.57 -0.39
N LYS A 26 -6.72 -21.40 -0.20
CA LYS A 26 -6.19 -20.05 -0.02
C LYS A 26 -6.32 -19.22 -1.30
N ILE A 27 -6.08 -19.85 -2.46
CA ILE A 27 -6.28 -19.13 -3.70
C ILE A 27 -7.73 -18.72 -3.84
N CYS A 28 -8.66 -19.63 -3.52
CA CYS A 28 -10.07 -19.29 -3.54
C CYS A 28 -10.35 -18.05 -2.69
N GLN A 29 -9.82 -18.02 -1.46
CA GLN A 29 -9.99 -16.85 -0.62
C GLN A 29 -9.40 -15.61 -1.28
N ILE A 30 -8.22 -15.75 -1.89
CA ILE A 30 -7.61 -14.63 -2.59
C ILE A 30 -8.51 -14.14 -3.72
N ASP A 31 -9.14 -15.07 -4.44
CA ASP A 31 -10.03 -14.69 -5.54
C ASP A 31 -11.15 -13.79 -5.05
N ARG A 32 -11.67 -14.05 -3.85
CA ARG A 32 -12.81 -13.34 -3.29
C ARG A 32 -12.38 -12.18 -2.39
N LEU A 33 -11.09 -11.83 -2.41
CA LEU A 33 -10.56 -10.72 -1.63
C LEU A 33 -10.81 -10.92 -0.14
N ILE A 34 -10.95 -12.18 0.28
CA ILE A 34 -11.11 -12.44 1.71
C ILE A 34 -9.84 -12.11 2.45
N HIS A 35 -8.67 -12.25 1.81
CA HIS A 35 -7.43 -11.87 2.48
C HIS A 35 -7.39 -10.39 2.78
N VAL A 36 -7.86 -9.56 1.85
CA VAL A 36 -7.87 -8.11 2.10
C VAL A 36 -8.92 -7.76 3.15
N SER A 37 -10.07 -8.43 3.12
CA SER A 37 -11.04 -8.25 4.20
C SER A 37 -10.42 -8.61 5.55
N SER A 38 -9.78 -9.78 5.62
CA SER A 38 -9.03 -10.16 6.82
C SER A 38 -8.06 -9.05 7.23
N TRP A 39 -7.31 -8.52 6.26
CA TRP A 39 -6.36 -7.47 6.57
C TRP A 39 -7.05 -6.27 7.21
N LEU A 40 -8.16 -5.80 6.62
CA LEU A 40 -8.87 -4.64 7.16
C LEU A 40 -9.38 -4.92 8.56
N ARG A 41 -9.96 -6.10 8.77
CA ARG A 41 -10.47 -6.46 10.08
C ARG A 41 -9.35 -6.43 11.11
N ASN A 42 -8.19 -6.97 10.77
CA ASN A 42 -7.10 -7.05 11.73
C ASN A 42 -6.53 -5.68 12.05
N HIS A 43 -6.37 -4.83 11.06
CA HIS A 43 -5.52 -3.66 11.25
C HIS A 43 -6.25 -2.36 11.40
N SER A 44 -7.42 -2.22 10.80
CA SER A 44 -8.11 -0.94 10.83
C SER A 44 -9.56 -1.14 11.17
N GLN A 45 -9.83 -1.96 12.19
CA GLN A 45 -11.09 -1.99 12.92
C GLN A 45 -12.29 -1.87 11.96
N PHE A 46 -12.39 -2.86 11.09
CA PHE A 46 -13.32 -2.89 9.97
C PHE A 46 -14.20 -4.12 10.12
N GLN A 47 -15.51 -3.96 9.99
CA GLN A 47 -16.42 -5.10 10.00
C GLN A 47 -16.85 -5.42 8.58
N GLY A 48 -16.92 -6.72 8.27
CA GLY A 48 -17.38 -7.13 6.97
C GLY A 48 -16.29 -7.47 5.99
N TYR A 49 -16.57 -7.23 4.71
CA TYR A 49 -15.74 -7.68 3.60
C TYR A 49 -15.59 -6.56 2.57
N VAL A 50 -14.49 -6.60 1.83
CA VAL A 50 -14.37 -5.90 0.56
C VAL A 50 -14.35 -6.93 -0.55
N GLY A 51 -14.72 -6.49 -1.75
CA GLY A 51 -14.78 -7.35 -2.90
C GLY A 51 -16.16 -7.86 -3.25
N GLN A 52 -17.22 -7.15 -2.88
CA GLN A 52 -18.56 -7.64 -3.14
C GLN A 52 -18.80 -7.76 -4.64
N ARG A 53 -19.15 -8.97 -5.05
CA ARG A 53 -19.59 -9.33 -6.39
C ARG A 53 -18.47 -9.31 -7.43
N GLY A 54 -17.35 -8.67 -7.12
CA GLY A 54 -16.34 -8.51 -8.14
C GLY A 54 -15.12 -9.35 -7.89
N GLY A 55 -14.78 -9.55 -6.62
CA GLY A 55 -13.61 -10.30 -6.28
C GLY A 55 -12.34 -9.61 -6.75
N ARG A 56 -11.26 -10.40 -6.74
CA ARG A 56 -9.95 -9.86 -7.09
C ARG A 56 -9.90 -9.31 -8.52
N SER A 57 -10.67 -9.89 -9.43
CA SER A 57 -10.54 -9.47 -10.81
C SER A 57 -11.08 -8.08 -11.06
N GLN A 58 -11.75 -7.47 -10.09
CA GLN A 58 -12.33 -6.13 -10.20
C GLN A 58 -11.62 -5.12 -9.31
N VAL A 59 -10.43 -5.43 -8.82
CA VAL A 59 -9.69 -4.50 -7.98
C VAL A 59 -9.18 -3.33 -8.81
N SER A 60 -8.91 -2.21 -8.13
CA SER A 60 -8.40 -1.00 -8.75
C SER A 60 -6.88 -0.94 -8.70
N TYR A 61 -6.26 -0.61 -9.84
CA TYR A 61 -4.81 -0.61 -9.96
C TYR A 61 -4.31 0.79 -10.28
N TYR A 62 -3.18 1.17 -9.68
CA TYR A 62 -2.38 2.32 -10.13
C TYR A 62 -1.03 1.85 -10.62
N PRO A 63 -0.74 1.93 -11.92
CA PRO A 63 -1.54 2.59 -12.94
C PRO A 63 -2.78 1.79 -13.31
N ALA A 64 -3.79 2.43 -13.91
CA ALA A 64 -5.02 1.73 -14.28
C ALA A 64 -4.75 0.68 -15.34
N GLU A 65 -3.96 1.01 -16.35
CA GLU A 65 -3.48 0.01 -17.28
C GLU A 65 -2.55 -0.94 -16.55
N ASN A 66 -3.02 -2.16 -16.28
CA ASN A 66 -2.21 -3.13 -15.55
C ASN A 66 -1.92 -4.32 -16.46
N SER A 67 -0.64 -4.52 -16.77
CA SER A 67 -0.25 -5.69 -17.56
C SER A 67 -0.37 -6.97 -16.74
N TYR A 68 0.16 -6.96 -15.51
CA TYR A 68 0.21 -8.20 -14.73
C TYR A 68 -1.15 -8.61 -14.17
N SER A 69 -2.13 -7.70 -14.15
CA SER A 69 -3.48 -8.05 -13.71
C SER A 69 -4.30 -8.79 -14.77
N ARG A 70 -3.93 -8.69 -16.04
CA ARG A 70 -4.59 -9.52 -17.05
C ARG A 70 -4.26 -11.00 -16.86
N TRP A 71 -3.21 -11.30 -16.11
CA TRP A 71 -2.85 -12.68 -15.76
C TRP A 71 -3.45 -12.98 -14.40
N SER A 72 -4.58 -13.68 -14.39
CA SER A 72 -5.28 -13.92 -13.14
C SER A 72 -4.41 -14.62 -12.11
N GLY A 73 -3.39 -15.35 -12.54
CA GLY A 73 -2.57 -16.14 -11.64
C GLY A 73 -1.34 -15.47 -11.12
N LEU A 74 -1.00 -14.27 -11.61
CA LEU A 74 0.11 -13.52 -11.05
C LEU A 74 -0.27 -12.98 -9.68
N LEU A 75 0.64 -13.17 -8.73
CA LEU A 75 0.36 -12.90 -7.31
C LEU A 75 0.66 -11.44 -7.02
N SER A 76 -0.33 -10.72 -6.53
CA SER A 76 -0.09 -9.40 -5.99
C SER A 76 0.57 -9.50 -4.60
N PRO A 77 1.21 -8.43 -4.14
CA PRO A 77 1.71 -8.44 -2.74
C PRO A 77 0.70 -8.95 -1.74
N CYS A 78 -0.53 -8.42 -1.76
CA CYS A 78 -1.55 -8.90 -0.85
C CYS A 78 -1.77 -10.40 -0.99
N ASP A 79 -1.84 -10.89 -2.22
CA ASP A 79 -1.98 -12.34 -2.40
C ASP A 79 -0.80 -13.05 -1.75
N ALA A 80 0.43 -12.55 -2.01
CA ALA A 80 1.62 -13.14 -1.40
C ALA A 80 1.55 -13.10 0.12
N ASP A 81 0.94 -12.05 0.69
CA ASP A 81 0.80 -11.97 2.14
C ASP A 81 -0.03 -13.14 2.65
N TRP A 82 -1.15 -13.41 1.97
CA TRP A 82 -2.06 -14.45 2.41
C TRP A 82 -1.45 -15.82 2.28
N LEU A 83 -0.45 -15.96 1.42
CA LEU A 83 0.26 -17.22 1.26
C LEU A 83 1.53 -17.26 2.10
N GLY A 84 1.69 -16.33 3.04
CA GLY A 84 2.87 -16.28 3.87
C GLY A 84 4.19 -16.02 3.18
N MET A 85 4.20 -15.44 1.98
CA MET A 85 5.44 -15.18 1.27
C MET A 85 6.08 -13.84 1.65
N LEU A 86 5.31 -12.92 2.22
CA LEU A 86 5.77 -11.60 2.64
C LEU A 86 4.69 -11.02 3.54
N VAL A 87 4.96 -9.85 4.08
CA VAL A 87 3.99 -9.18 4.92
C VAL A 87 3.61 -7.85 4.29
N VAL A 88 2.31 -7.65 4.07
CA VAL A 88 1.88 -6.29 3.79
C VAL A 88 1.67 -5.66 5.17
N LYS A 89 2.57 -4.75 5.54
CA LYS A 89 2.57 -4.19 6.87
C LYS A 89 1.52 -3.08 6.96
N LYS A 90 0.92 -2.95 8.15
CA LYS A 90 0.05 -1.80 8.39
C LYS A 90 0.87 -0.52 8.34
N ALA A 91 0.36 0.48 7.64
CA ALA A 91 1.09 1.74 7.51
C ALA A 91 1.37 2.36 8.87
N LYS A 92 2.59 2.87 9.03
CA LYS A 92 2.92 3.81 10.07
C LYS A 92 2.75 5.23 9.51
N GLY A 93 2.79 6.20 10.41
CA GLY A 93 2.64 7.58 9.99
C GLY A 93 3.70 7.98 8.97
N SER A 94 4.94 7.53 9.21
CA SER A 94 6.07 7.90 8.36
C SER A 94 6.05 7.20 7.00
N ASP A 95 5.22 6.19 6.83
CA ASP A 95 5.05 5.56 5.53
C ASP A 95 4.41 6.56 4.57
N MET A 96 4.98 6.66 3.35
CA MET A 96 4.59 7.72 2.43
C MET A 96 3.52 7.25 1.46
N ILE A 97 2.44 8.02 1.38
CA ILE A 97 1.35 7.76 0.46
C ILE A 97 1.66 8.47 -0.84
N VAL A 98 1.86 7.72 -1.92
CA VAL A 98 2.31 8.35 -3.16
C VAL A 98 1.18 9.16 -3.78
N PRO A 99 1.45 10.31 -4.36
CA PRO A 99 0.42 11.02 -5.09
C PRO A 99 0.17 10.38 -6.44
N GLY A 100 -1.04 10.55 -6.93
CA GLY A 100 -1.37 10.14 -8.26
C GLY A 100 -2.52 9.20 -8.34
N PRO A 101 -2.58 8.21 -7.44
CA PRO A 101 -3.73 7.30 -7.45
C PRO A 101 -4.98 8.03 -7.03
N SER A 102 -6.09 7.60 -7.62
CA SER A 102 -7.39 8.13 -7.25
C SER A 102 -7.78 7.44 -5.95
N TYR A 103 -7.27 7.97 -4.83
CA TYR A 103 -7.54 7.37 -3.52
C TYR A 103 -8.96 7.64 -3.02
N LYS A 104 -9.65 8.65 -3.56
CA LYS A 104 -10.93 9.04 -2.97
C LYS A 104 -11.89 7.88 -3.02
N GLY A 105 -12.44 7.56 -1.85
CA GLY A 105 -13.40 6.48 -1.71
C GLY A 105 -12.79 5.13 -1.45
N LYS A 106 -11.47 4.99 -1.51
CA LYS A 106 -10.86 3.69 -1.29
C LYS A 106 -10.94 3.30 0.19
N VAL A 107 -11.10 2.01 0.43
CA VAL A 107 -11.14 1.47 1.78
C VAL A 107 -9.83 0.81 2.16
N PHE A 108 -9.09 0.29 1.18
CA PHE A 108 -7.79 -0.29 1.38
C PHE A 108 -6.94 0.05 0.17
N PHE A 109 -5.69 0.45 0.39
CA PHE A 109 -4.73 0.46 -0.69
C PHE A 109 -3.38 -0.01 -0.18
N GLU A 110 -2.61 -0.63 -1.08
CA GLU A 110 -1.28 -1.15 -0.77
C GLU A 110 -0.32 -0.68 -1.84
N ARG A 111 0.95 -0.62 -1.47
CA ARG A 111 1.94 -0.39 -2.46
C ARG A 111 3.24 -1.04 -2.03
N PRO A 112 3.99 -1.63 -2.96
CA PRO A 112 5.40 -1.91 -2.70
C PRO A 112 6.10 -0.63 -2.28
N THR A 113 6.91 -0.73 -1.24
CA THR A 113 7.81 0.35 -0.86
C THR A 113 9.26 -0.12 -1.03
N PHE A 114 10.19 0.83 -0.90
CA PHE A 114 11.58 0.49 -1.14
C PHE A 114 12.04 -0.68 -0.28
N ASP A 115 11.57 -0.77 0.97
CA ASP A 115 12.06 -1.80 1.88
C ASP A 115 10.96 -2.74 2.36
N GLY A 116 9.86 -2.86 1.61
CA GLY A 116 8.82 -3.80 2.00
C GLY A 116 7.54 -3.53 1.25
N TYR A 117 6.41 -3.85 1.91
CA TYR A 117 5.08 -3.61 1.35
C TYR A 117 4.18 -3.06 2.45
N VAL A 118 3.51 -1.95 2.16
CA VAL A 118 2.71 -1.25 3.15
C VAL A 118 1.27 -1.23 2.67
N GLY A 119 0.34 -1.41 3.60
CA GLY A 119 -1.08 -1.31 3.30
C GLY A 119 -1.76 -0.32 4.20
N TRP A 120 -2.76 0.37 3.65
CA TRP A 120 -3.50 1.42 4.35
C TRP A 120 -4.97 1.06 4.42
N GLY A 121 -5.52 0.93 5.63
CA GLY A 121 -6.93 0.65 5.79
C GLY A 121 -7.76 1.76 6.39
N CYS A 122 -9.07 1.70 6.18
CA CYS A 122 -10.03 2.55 6.86
C CYS A 122 -10.97 1.67 7.68
N GLY A 123 -11.44 2.21 8.80
CA GLY A 123 -12.41 1.50 9.61
C GLY A 123 -13.75 1.34 8.93
N SER A 124 -14.69 0.77 9.69
CA SER A 124 -16.04 0.62 9.21
C SER A 124 -16.66 2.01 9.02
N GLY A 125 -17.38 2.18 7.92
CA GLY A 125 -18.09 3.41 7.65
C GLY A 125 -17.25 4.55 7.14
N LYS A 126 -15.96 4.31 6.88
CA LYS A 126 -15.09 5.38 6.42
C LYS A 126 -14.38 4.93 5.14
N SER A 127 -13.91 5.93 4.39
CA SER A 127 -13.09 5.71 3.20
C SER A 127 -12.06 6.84 3.09
N ARG A 128 -11.23 6.78 2.06
CA ARG A 128 -10.11 7.68 1.97
C ARG A 128 -10.46 8.95 1.22
N THR A 129 -9.82 10.04 1.62
CA THR A 129 -9.83 11.28 0.90
C THR A 129 -8.99 11.17 -0.37
N GLU A 130 -9.07 12.18 -1.25
CA GLU A 130 -8.35 12.12 -2.51
C GLU A 130 -6.86 12.00 -2.29
N SER A 131 -6.35 12.64 -1.24
CA SER A 131 -4.93 12.60 -1.02
C SER A 131 -4.47 11.24 -0.56
N GLY A 132 -5.41 10.40 -0.13
CA GLY A 132 -5.12 9.13 0.50
C GLY A 132 -4.76 9.20 1.97
N GLU A 133 -4.58 10.40 2.53
CA GLU A 133 -3.98 10.53 3.84
C GLU A 133 -4.97 10.44 5.01
N LEU A 134 -6.27 10.63 4.76
CA LEU A 134 -7.25 10.62 5.84
C LEU A 134 -8.40 9.67 5.51
N CYS A 135 -8.92 9.03 6.57
CA CYS A 135 -10.12 8.22 6.53
C CYS A 135 -11.25 9.07 7.06
N SER A 136 -12.22 9.41 6.22
CA SER A 136 -13.35 10.19 6.65
C SER A 136 -14.65 9.43 6.38
N SER A 137 -15.71 9.84 7.07
CA SER A 137 -16.98 9.10 7.04
C SER A 137 -17.50 8.99 5.62
N ASP A 138 -18.15 7.87 5.34
CA ASP A 138 -18.68 7.57 4.01
C ASP A 138 -19.92 6.71 4.20
N SER A 139 -21.09 7.26 3.87
CA SER A 139 -22.32 6.50 4.02
C SER A 139 -22.42 5.37 3.01
N GLY A 140 -21.72 5.47 1.88
CA GLY A 140 -21.72 4.42 0.88
C GLY A 140 -21.03 3.15 1.31
N THR A 141 -20.24 3.22 2.38
CA THR A 141 -19.58 2.06 2.96
C THR A 141 -20.32 1.49 4.17
N SER A 142 -21.53 1.97 4.44
CA SER A 142 -22.27 1.49 5.61
C SER A 142 -22.60 0.01 5.49
N SER A 143 -22.77 -0.49 4.27
CA SER A 143 -23.18 -1.88 4.07
C SER A 143 -22.26 -2.84 4.81
N GLY A 144 -20.96 -2.53 4.83
CA GLY A 144 -19.94 -3.47 5.22
C GLY A 144 -19.67 -4.54 4.19
N LEU A 145 -20.42 -4.54 3.08
CA LEU A 145 -20.25 -5.45 1.94
C LEU A 145 -19.91 -4.59 0.72
N LEU A 146 -18.63 -4.25 0.58
CA LEU A 146 -18.20 -3.17 -0.30
C LEU A 146 -17.60 -3.72 -1.60
N PRO A 147 -17.87 -3.04 -2.71
CA PRO A 147 -17.43 -3.54 -4.02
C PRO A 147 -15.92 -3.49 -4.18
N SER A 148 -15.42 -4.23 -5.16
CA SER A 148 -13.97 -4.27 -5.39
C SER A 148 -13.42 -2.92 -5.79
N ASP A 149 -14.30 -2.04 -6.28
CA ASP A 149 -14.08 -0.60 -6.47
C ASP A 149 -13.16 -0.04 -5.40
N ARG A 150 -13.43 -0.40 -4.14
CA ARG A 150 -12.81 0.24 -2.99
C ARG A 150 -11.44 -0.31 -2.62
N VAL A 151 -10.92 -1.30 -3.35
CA VAL A 151 -9.60 -1.85 -3.08
C VAL A 151 -8.63 -1.38 -4.16
N LEU A 152 -7.50 -0.81 -3.75
CA LEU A 152 -6.54 -0.21 -4.66
C LEU A 152 -5.19 -0.88 -4.50
N TRP A 153 -4.67 -1.46 -5.59
CA TRP A 153 -3.36 -2.09 -5.59
C TRP A 153 -2.44 -1.26 -6.45
N ILE A 154 -1.37 -0.72 -5.86
CA ILE A 154 -0.48 0.16 -6.60
C ILE A 154 0.67 -0.66 -7.17
N GLY A 155 0.85 -0.58 -8.48
CA GLY A 155 1.97 -1.25 -9.08
C GLY A 155 1.58 -2.34 -10.03
N ASP A 156 2.39 -2.49 -11.07
CA ASP A 156 2.40 -3.65 -11.95
C ASP A 156 3.32 -4.65 -11.28
N VAL A 157 2.78 -5.58 -10.50
CA VAL A 157 3.63 -6.41 -9.64
C VAL A 157 3.31 -7.88 -9.83
N ALA A 158 4.34 -8.71 -9.80
CA ALA A 158 4.20 -10.15 -9.74
C ALA A 158 5.05 -10.67 -8.59
N CYS A 159 4.44 -11.36 -7.66
CA CYS A 159 5.18 -12.05 -6.63
C CYS A 159 5.10 -13.54 -6.88
N GLN A 160 6.05 -14.25 -6.28
CA GLN A 160 6.37 -15.61 -6.65
C GLN A 160 7.38 -16.14 -5.66
N PRO A 161 7.48 -17.46 -5.51
CA PRO A 161 8.50 -18.05 -4.64
C PRO A 161 9.92 -17.71 -5.10
N MET A 162 10.79 -17.48 -4.13
CA MET A 162 12.09 -16.87 -4.42
C MET A 162 13.21 -17.84 -4.13
N THR A 163 14.24 -17.78 -4.98
CA THR A 163 15.51 -18.45 -4.76
C THR A 163 16.43 -17.51 -3.98
N PRO A 164 16.53 -17.67 -2.66
CA PRO A 164 17.25 -16.68 -1.84
C PRO A 164 18.71 -16.55 -2.26
N ILE A 165 19.21 -15.31 -2.24
CA ILE A 165 20.58 -15.04 -2.67
C ILE A 165 21.41 -14.69 -1.44
N PRO A 166 22.71 -14.98 -1.46
CA PRO A 166 23.56 -14.59 -0.34
C PRO A 166 23.72 -13.09 -0.26
N GLU A 167 24.14 -12.63 0.91
CA GLU A 167 24.28 -11.19 1.15
C GLU A 167 25.30 -10.59 0.19
N GLU A 168 26.35 -11.34 -0.13
CA GLU A 168 27.38 -10.86 -1.04
C GLU A 168 26.75 -10.40 -2.36
N THR A 169 25.93 -11.25 -2.97
CA THR A 169 25.38 -10.87 -4.25
C THR A 169 24.30 -9.81 -4.10
N PHE A 170 23.64 -9.76 -2.96
CA PHE A 170 22.72 -8.64 -2.74
C PHE A 170 23.47 -7.33 -2.68
N LEU A 171 24.63 -7.32 -2.00
CA LEU A 171 25.39 -6.08 -1.88
C LEU A 171 25.90 -5.63 -3.23
N GLU A 172 26.33 -6.58 -4.06
CA GLU A 172 26.75 -6.23 -5.42
C GLU A 172 25.61 -5.61 -6.21
N LEU A 173 24.40 -6.20 -6.10
CA LEU A 173 23.25 -5.64 -6.80
C LEU A 173 22.88 -4.27 -6.25
N LYS A 174 22.79 -4.14 -4.93
CA LYS A 174 22.54 -2.85 -4.31
C LYS A 174 23.53 -1.79 -4.81
N SER A 175 24.81 -2.14 -4.93
CA SER A 175 25.81 -1.19 -5.43
C SER A 175 25.60 -0.88 -6.90
N PHE A 176 25.41 -1.92 -7.72
CA PHE A 176 25.14 -1.69 -9.14
C PHE A 176 23.99 -0.72 -9.31
N SER A 177 22.91 -0.97 -8.60
CA SER A 177 21.73 -0.15 -8.63
C SER A 177 22.04 1.27 -8.14
N GLN A 178 22.96 1.42 -7.19
CA GLN A 178 23.34 2.77 -6.77
C GLN A 178 24.03 3.52 -7.89
N SER A 179 24.89 2.83 -8.65
CA SER A 179 25.60 3.54 -9.71
C SER A 179 24.71 3.83 -10.90
N GLU A 180 23.62 3.06 -11.07
CA GLU A 180 22.66 3.36 -12.12
C GLU A 180 21.85 4.59 -11.78
N PHE A 181 21.65 4.88 -10.50
CA PHE A 181 20.81 5.99 -10.06
C PHE A 181 21.62 6.87 -9.13
N PRO A 182 22.66 7.52 -9.65
CA PRO A 182 23.53 8.32 -8.78
C PRO A 182 22.89 9.56 -8.26
N ASP A 183 21.80 10.01 -8.87
CA ASP A 183 21.16 11.24 -8.44
C ASP A 183 20.01 11.00 -7.49
N ILE A 184 19.68 9.74 -7.19
CA ILE A 184 18.67 9.45 -6.18
C ILE A 184 19.32 9.57 -4.81
N CYS A 185 18.67 10.30 -3.90
CA CYS A 185 19.21 10.47 -2.56
C CYS A 185 18.55 9.51 -1.57
N LYS A 186 17.23 9.58 -1.41
CA LYS A 186 16.51 8.57 -0.66
C LYS A 186 15.25 8.14 -1.40
N ILE A 187 14.84 6.89 -1.13
CA ILE A 187 13.60 6.34 -1.66
C ILE A 187 12.76 5.90 -0.47
N ASP A 188 11.50 6.37 -0.42
CA ASP A 188 10.58 6.06 0.67
C ASP A 188 11.27 6.23 2.01
N GLY A 189 11.93 7.38 2.17
CA GLY A 189 12.64 7.69 3.40
C GLY A 189 13.88 6.87 3.70
N ILE A 190 14.27 5.93 2.85
CA ILE A 190 15.47 5.13 3.08
C ILE A 190 16.63 5.77 2.32
N VAL A 191 17.78 5.91 2.97
CA VAL A 191 18.93 6.42 2.26
C VAL A 191 19.30 5.44 1.15
N PHE A 192 19.32 5.95 -0.08
CA PHE A 192 19.72 5.21 -1.26
C PHE A 192 21.16 5.51 -1.63
N ASN A 193 21.51 6.80 -1.65
CA ASN A 193 22.86 7.29 -1.84
C ASN A 193 23.13 8.35 -0.80
N GLN A 194 24.40 8.49 -0.42
CA GLN A 194 24.80 9.63 0.39
C GLN A 194 24.54 10.91 -0.39
N CYS A 195 23.91 11.88 0.26
CA CYS A 195 23.63 13.13 -0.42
C CYS A 195 23.92 14.32 0.49
N GLU A 196 24.56 15.34 -0.08
CA GLU A 196 24.79 16.55 0.69
C GLU A 196 23.51 17.36 0.76
N GLY A 197 23.04 17.84 -0.38
CA GLY A 197 21.75 18.47 -0.48
C GLY A 197 20.76 17.60 -1.21
N GLU A 198 19.48 17.83 -1.00
CA GLU A 198 18.46 16.87 -1.40
C GLU A 198 17.19 17.61 -1.79
N SER A 199 16.55 17.17 -2.86
CA SER A 199 15.35 17.84 -3.37
C SER A 199 14.15 17.56 -2.46
N LEU A 200 13.03 18.20 -2.78
CA LEU A 200 11.78 17.78 -2.19
C LEU A 200 11.37 16.44 -2.80
N PRO A 201 10.81 15.52 -2.00
CA PRO A 201 10.48 14.18 -2.54
C PRO A 201 9.45 14.28 -3.66
N GLN A 202 9.54 13.36 -4.61
CA GLN A 202 8.61 13.40 -5.72
C GLN A 202 8.37 11.99 -6.21
N PRO A 203 7.25 11.75 -6.89
CA PRO A 203 6.93 10.38 -7.30
C PRO A 203 7.94 9.83 -8.28
N PHE A 204 8.08 8.52 -8.25
CA PHE A 204 9.15 7.81 -8.94
C PHE A 204 8.56 6.50 -9.43
N ASP A 205 8.32 6.37 -10.73
CA ASP A 205 7.86 5.12 -11.29
C ASP A 205 9.08 4.34 -11.74
N VAL A 206 9.39 3.27 -11.05
CA VAL A 206 10.66 2.58 -11.25
C VAL A 206 10.44 1.08 -11.35
N ALA A 207 11.31 0.42 -12.12
CA ALA A 207 11.32 -1.02 -12.13
C ALA A 207 12.16 -1.52 -10.97
N TRP A 208 11.66 -2.51 -10.25
CA TRP A 208 12.39 -3.01 -9.10
C TRP A 208 12.15 -4.50 -8.99
N MET A 209 13.03 -5.16 -8.26
CA MET A 209 12.86 -6.55 -7.90
C MET A 209 13.21 -6.70 -6.43
N ASP A 210 12.49 -7.59 -5.77
CA ASP A 210 12.68 -7.87 -4.36
C ASP A 210 13.43 -9.19 -4.27
N VAL A 211 14.66 -9.14 -3.78
CA VAL A 211 15.47 -10.35 -3.64
C VAL A 211 15.70 -10.69 -2.18
N GLY A 212 14.81 -10.20 -1.31
CA GLY A 212 14.70 -10.69 0.04
C GLY A 212 15.71 -10.18 1.04
N HIS A 213 16.30 -9.03 0.80
CA HIS A 213 17.20 -8.52 1.84
C HIS A 213 16.62 -7.21 2.31
N SER A 214 17.44 -6.37 2.96
CA SER A 214 16.91 -5.20 3.64
C SER A 214 16.04 -4.33 2.74
N HIS A 215 16.35 -4.21 1.44
CA HIS A 215 15.53 -3.37 0.57
C HIS A 215 15.55 -3.91 -0.85
N LYS A 216 14.76 -3.27 -1.70
CA LYS A 216 14.59 -3.72 -3.08
C LYS A 216 15.76 -3.27 -3.95
N ILE A 217 15.83 -3.82 -5.15
CA ILE A 217 16.85 -3.46 -6.14
C ILE A 217 16.11 -2.76 -7.27
N ILE A 218 16.21 -1.43 -7.36
CA ILE A 218 15.58 -0.73 -8.47
C ILE A 218 16.50 -0.82 -9.67
N MET A 219 15.92 -0.96 -10.86
CA MET A 219 16.73 -1.25 -12.02
C MET A 219 16.42 -0.30 -13.15
N ARG A 220 17.47 0.17 -13.80
CA ARG A 220 17.27 0.92 -15.02
C ARG A 220 17.12 -0.06 -16.17
N GLU A 221 18.20 -0.73 -16.53
CA GLU A 221 18.16 -1.68 -17.62
C GLU A 221 18.28 -3.07 -17.05
N HIS A 222 17.32 -3.92 -17.40
CA HIS A 222 17.32 -5.33 -17.02
C HIS A 222 16.59 -6.11 -18.09
N LYS A 223 16.79 -7.43 -18.08
CA LYS A 223 16.06 -8.32 -18.96
C LYS A 223 15.26 -9.31 -18.12
N THR A 224 14.11 -9.74 -18.63
CA THR A 224 13.30 -10.73 -17.90
C THR A 224 12.90 -11.87 -18.83
N LYS A 225 13.18 -13.09 -18.38
CA LYS A 225 12.69 -14.31 -19.01
C LYS A 225 11.65 -14.90 -18.07
N TRP A 226 10.51 -15.32 -18.62
CA TRP A 226 9.51 -16.04 -17.87
C TRP A 226 9.65 -17.52 -18.19
N VAL A 227 9.75 -18.34 -17.16
CA VAL A 227 9.91 -19.78 -17.30
C VAL A 227 8.75 -20.45 -16.58
N GLN A 228 8.12 -21.44 -17.24
CA GLN A 228 7.06 -22.22 -16.63
C GLN A 228 7.71 -23.43 -15.98
N GLU A 229 7.78 -23.43 -14.65
CA GLU A 229 8.51 -24.46 -13.93
C GLU A 229 7.63 -25.62 -13.49
N SER A 230 6.31 -25.51 -13.72
CA SER A 230 5.35 -26.60 -13.48
C SER A 230 5.55 -27.23 -12.10
N SER A 231 5.75 -26.38 -11.11
CA SER A 231 5.79 -26.78 -9.72
C SER A 231 4.38 -26.78 -9.15
N SER A 232 4.23 -27.37 -7.97
CA SER A 232 2.89 -27.62 -7.43
C SER A 232 2.11 -26.32 -7.20
N LYS A 233 2.80 -25.22 -6.87
CA LYS A 233 2.15 -23.93 -6.69
C LYS A 233 1.50 -23.44 -7.97
N ASP A 234 1.89 -23.97 -9.12
CA ASP A 234 1.39 -23.50 -10.40
C ASP A 234 0.06 -24.13 -10.78
N PHE A 235 -0.53 -24.90 -9.88
CA PHE A 235 -1.75 -25.65 -10.13
C PHE A 235 -2.76 -25.39 -9.04
N VAL A 236 -4.02 -25.26 -9.44
CA VAL A 236 -5.11 -25.18 -8.48
C VAL A 236 -6.03 -26.36 -8.72
N CYS A 237 -6.71 -26.80 -7.65
CA CYS A 237 -7.54 -28.00 -7.66
C CYS A 237 -8.93 -27.68 -7.12
N TYR A 238 -9.95 -28.24 -7.76
CA TYR A 238 -11.34 -27.90 -7.47
C TYR A 238 -12.20 -29.12 -7.72
N LYS A 239 -13.28 -29.26 -6.95
CA LYS A 239 -14.31 -30.23 -7.29
C LYS A 239 -15.25 -29.59 -8.30
N GLU A 240 -15.85 -30.43 -9.15
CA GLU A 240 -16.79 -29.88 -10.11
C GLU A 240 -17.99 -29.31 -9.37
N GLY A 241 -18.35 -28.08 -9.72
CA GLY A 241 -19.45 -27.32 -9.11
C GLY A 241 -19.07 -26.60 -7.83
N THR A 242 -18.48 -27.31 -6.87
CA THR A 242 -18.37 -26.88 -5.48
C THR A 242 -17.01 -26.28 -5.12
N GLY A 243 -16.36 -25.55 -6.04
CA GLY A 243 -15.18 -24.76 -5.71
C GLY A 243 -13.95 -25.57 -5.34
N PRO A 244 -13.11 -25.03 -4.46
CA PRO A 244 -11.77 -25.60 -4.25
C PRO A 244 -11.79 -26.94 -3.52
N CYS A 245 -10.75 -27.74 -3.79
CA CYS A 245 -10.56 -29.01 -3.13
C CYS A 245 -10.10 -28.83 -1.69
N SER A 246 -10.19 -29.91 -0.93
CA SER A 246 -9.75 -29.97 0.44
C SER A 246 -8.23 -29.91 0.50
N GLU A 247 -7.69 -29.46 1.65
CA GLU A 247 -6.25 -29.55 1.81
C GLU A 247 -5.79 -30.98 1.58
N SER A 248 -6.43 -31.95 2.26
CA SER A 248 -6.06 -33.35 2.10
C SER A 248 -6.26 -33.81 0.66
N GLU A 249 -7.37 -33.41 0.04
CA GLU A 249 -7.63 -33.82 -1.34
C GLU A 249 -6.59 -33.25 -2.28
N GLU A 250 -6.31 -31.95 -2.14
CA GLU A 250 -5.30 -31.29 -2.98
C GLU A 250 -3.95 -31.98 -2.83
N LYS A 251 -3.56 -32.27 -1.58
CA LYS A 251 -2.26 -32.89 -1.37
C LYS A 251 -2.17 -34.21 -2.12
N THR A 252 -3.15 -35.11 -1.93
CA THR A 252 -3.04 -36.39 -2.62
C THR A 252 -3.06 -36.22 -4.13
N CYS A 253 -3.77 -35.21 -4.65
CA CYS A 253 -3.74 -35.00 -6.08
C CYS A 253 -2.34 -34.70 -6.56
N LYS A 254 -1.69 -33.75 -5.90
CA LYS A 254 -0.39 -33.23 -6.31
C LYS A 254 0.77 -34.14 -5.94
N THR A 255 0.54 -35.20 -5.14
CA THR A 255 1.61 -36.10 -4.75
C THR A 255 1.36 -37.54 -5.12
N SER A 256 0.19 -37.89 -5.65
CA SER A 256 -0.13 -39.30 -5.87
C SER A 256 -0.62 -39.63 -7.27
N GLY A 257 -0.81 -38.63 -8.14
CA GLY A 257 -1.25 -38.91 -9.51
C GLY A 257 -2.57 -39.63 -9.61
N SER A 258 -3.46 -39.43 -8.64
CA SER A 258 -4.71 -40.16 -8.51
C SER A 258 -5.94 -39.32 -8.85
N CYS A 259 -5.76 -38.10 -9.35
CA CYS A 259 -6.91 -37.27 -9.69
C CYS A 259 -6.88 -36.89 -11.16
N ARG A 260 -7.97 -36.27 -11.61
CA ARG A 260 -8.06 -35.77 -12.97
C ARG A 260 -7.31 -34.46 -13.08
N GLY A 261 -6.96 -34.08 -14.30
CA GLY A 261 -6.35 -32.78 -14.47
C GLY A 261 -6.26 -32.38 -15.93
N ASP A 262 -5.77 -31.16 -16.16
CA ASP A 262 -5.45 -30.74 -17.51
C ASP A 262 -4.10 -31.33 -17.91
N MET A 263 -3.67 -31.04 -19.13
CA MET A 263 -2.64 -31.87 -19.73
C MET A 263 -1.27 -31.59 -19.11
N GLN A 264 -0.99 -30.34 -18.74
CA GLN A 264 0.28 -30.04 -18.07
C GLN A 264 0.33 -30.71 -16.69
N PHE A 265 -0.77 -30.64 -15.94
CA PHE A 265 -0.80 -31.23 -14.60
C PHE A 265 -0.58 -32.73 -14.65
N CYS A 266 -1.26 -33.43 -15.57
CA CYS A 266 -1.06 -34.87 -15.70
C CYS A 266 0.40 -35.18 -16.03
N LYS A 267 1.03 -34.34 -16.87
CA LYS A 267 2.40 -34.60 -17.27
C LYS A 267 3.34 -34.60 -16.08
N VAL A 268 3.19 -33.63 -15.17
CA VAL A 268 4.12 -33.51 -14.05
C VAL A 268 3.66 -34.24 -12.79
N ALA A 269 2.36 -34.44 -12.60
CA ALA A 269 1.87 -35.05 -11.36
C ALA A 269 1.17 -36.40 -11.53
N GLY A 270 0.50 -36.65 -12.66
CA GLY A 270 -0.16 -37.92 -12.92
C GLY A 270 -1.68 -37.80 -12.79
N CYS A 271 -2.39 -38.64 -13.56
CA CYS A 271 -3.84 -38.54 -13.66
C CYS A 271 -4.46 -39.89 -13.93
N GLU A 272 -5.70 -40.07 -13.47
CA GLU A 272 -6.51 -41.24 -13.79
C GLU A 272 -7.97 -40.89 -13.94
N LYS A 281 -15.19 -35.43 -7.94
CA LYS A 281 -13.80 -35.61 -7.58
C LYS A 281 -12.97 -34.34 -7.89
N CYS A 282 -11.65 -34.37 -7.63
CA CYS A 282 -10.80 -33.20 -7.82
C CYS A 282 -10.17 -33.19 -9.20
N ARG A 283 -9.98 -31.98 -9.72
CA ARG A 283 -9.31 -31.74 -10.97
C ARG A 283 -8.37 -30.58 -10.75
N CYS A 284 -7.13 -30.70 -11.24
CA CYS A 284 -6.14 -29.64 -11.09
C CYS A 284 -5.71 -29.10 -12.45
N SER A 285 -5.37 -27.81 -12.50
CA SER A 285 -5.05 -27.17 -13.77
C SER A 285 -4.03 -26.08 -13.55
N LEU A 286 -3.35 -25.73 -14.65
CA LEU A 286 -2.39 -24.64 -14.65
C LEU A 286 -3.09 -23.32 -14.36
N VAL A 287 -2.52 -22.51 -13.47
CA VAL A 287 -3.05 -21.17 -13.26
C VAL A 287 -2.63 -20.30 -14.42
N HIS A 288 -3.52 -19.41 -14.86
CA HIS A 288 -3.22 -18.55 -16.00
C HIS A 288 -2.21 -17.49 -15.55
N LYS A 289 -0.94 -17.70 -15.89
CA LYS A 289 0.16 -16.80 -15.58
C LYS A 289 1.32 -17.15 -16.49
N PRO A 290 2.19 -16.19 -16.83
CA PRO A 290 3.32 -16.50 -17.74
C PRO A 290 4.40 -17.37 -17.13
N GLY A 291 4.52 -17.43 -15.83
CA GLY A 291 5.45 -18.34 -15.21
C GLY A 291 6.13 -17.69 -14.04
N GLU A 292 7.32 -18.18 -13.74
CA GLU A 292 8.21 -17.48 -12.82
C GLU A 292 9.12 -16.57 -13.62
N VAL A 293 9.35 -15.38 -13.11
CA VAL A 293 10.16 -14.40 -13.80
C VAL A 293 11.58 -14.51 -13.29
N VAL A 294 12.54 -14.56 -14.21
CA VAL A 294 13.95 -14.51 -13.89
C VAL A 294 14.51 -13.20 -14.42
N VAL A 295 15.21 -12.46 -13.56
CA VAL A 295 15.71 -11.14 -13.89
C VAL A 295 17.21 -11.23 -14.15
N SER A 296 17.63 -10.72 -15.30
CA SER A 296 19.05 -10.49 -15.55
C SER A 296 19.36 -9.02 -15.32
N TYR A 297 20.18 -8.76 -14.31
CA TYR A 297 20.52 -7.41 -13.92
C TYR A 297 21.91 -7.45 -13.30
N GLY A 298 22.68 -6.37 -13.52
CA GLY A 298 24.04 -6.35 -13.01
C GLY A 298 24.90 -7.52 -13.46
N GLY A 299 24.60 -8.10 -14.62
CA GLY A 299 25.35 -9.25 -15.03
C GLY A 299 25.16 -10.35 -14.01
N MET A 300 23.91 -10.61 -13.65
CA MET A 300 23.52 -11.71 -12.77
C MET A 300 22.12 -12.13 -13.16
N ARG A 301 21.79 -13.37 -12.87
CA ARG A 301 20.45 -13.90 -13.07
C ARG A 301 19.94 -14.24 -11.68
N VAL A 302 18.68 -13.97 -11.42
CA VAL A 302 18.14 -14.01 -10.07
C VAL A 302 16.65 -14.30 -10.17
N ARG A 303 16.13 -15.08 -9.22
CA ARG A 303 14.70 -15.34 -9.11
C ARG A 303 14.17 -14.52 -7.93
N PRO A 304 13.52 -13.39 -8.15
CA PRO A 304 13.14 -12.54 -7.04
C PRO A 304 11.85 -13.03 -6.38
N LYS A 305 11.61 -12.52 -5.18
CA LYS A 305 10.35 -12.80 -4.50
C LYS A 305 9.20 -12.02 -5.13
N CYS A 306 9.41 -10.74 -5.39
CA CYS A 306 8.48 -9.95 -6.18
C CYS A 306 9.27 -9.21 -7.26
N TYR A 307 8.54 -8.82 -8.30
CA TYR A 307 9.10 -8.10 -9.43
C TYR A 307 8.03 -7.14 -9.91
N GLY A 308 8.41 -5.91 -10.22
CA GLY A 308 7.36 -4.96 -10.49
C GLY A 308 7.80 -3.63 -11.06
N PHE A 309 6.82 -2.89 -11.54
CA PHE A 309 6.97 -1.49 -11.91
C PHE A 309 5.94 -0.71 -11.10
N SER A 310 6.42 0.09 -10.14
CA SER A 310 5.55 0.64 -9.12
C SER A 310 5.97 2.09 -8.89
N ARG A 311 5.07 2.88 -8.31
CA ARG A 311 5.40 4.23 -7.88
C ARG A 311 5.91 4.23 -6.44
N MET A 312 7.04 4.89 -6.22
CA MET A 312 7.57 5.15 -4.89
C MET A 312 7.93 6.64 -4.81
N MET A 313 8.42 7.07 -3.64
CA MET A 313 8.89 8.43 -3.42
C MET A 313 10.40 8.51 -3.45
N ALA A 314 10.94 9.47 -4.21
CA ALA A 314 12.37 9.69 -4.29
C ALA A 314 12.70 11.16 -4.11
N THR A 315 13.91 11.41 -3.59
CA THR A 315 14.53 12.73 -3.56
C THR A 315 15.79 12.67 -4.41
N LEU A 316 16.18 13.83 -4.96
CA LEU A 316 17.35 13.89 -5.86
C LEU A 316 18.43 14.82 -5.33
N GLU A 317 19.65 14.58 -5.80
CA GLU A 317 20.80 15.38 -5.43
C GLU A 317 20.60 16.80 -5.89
N VAL A 318 20.97 17.76 -5.04
CA VAL A 318 20.92 19.19 -5.34
C VAL A 318 22.30 19.82 -5.17
N ALA B 1 19.18 24.47 3.91
CA ALA B 1 18.36 23.93 5.00
C ALA B 1 16.88 24.36 4.88
N VAL B 2 15.98 23.41 5.06
CA VAL B 2 14.56 23.75 5.18
C VAL B 2 14.30 24.20 6.60
N GLN B 3 13.49 25.24 6.77
CA GLN B 3 13.11 25.66 8.10
C GLN B 3 11.59 25.80 8.16
N LEU B 4 11.01 25.39 9.28
CA LEU B 4 9.60 25.63 9.54
C LEU B 4 9.47 26.25 10.93
N VAL B 5 8.88 27.44 11.00
CA VAL B 5 8.64 28.11 12.26
C VAL B 5 7.16 28.25 12.47
N GLU B 6 6.66 27.69 13.58
CA GLU B 6 5.26 27.85 13.90
C GLU B 6 5.06 28.94 14.93
N SER B 7 3.83 29.43 14.96
CA SER B 7 3.46 30.52 15.84
C SER B 7 1.97 30.44 16.04
N GLY B 8 1.49 31.09 17.07
CA GLY B 8 0.07 31.28 17.23
C GLY B 8 -0.59 30.37 18.22
N GLY B 9 0.15 29.42 18.78
CA GLY B 9 -0.40 28.63 19.86
C GLY B 9 -0.66 29.51 21.06
N GLY B 10 -1.35 28.94 22.04
CA GLY B 10 -1.49 29.62 23.30
C GLY B 10 -2.64 29.07 24.11
N LEU B 11 -2.94 29.77 25.20
CA LEU B 11 -4.09 29.45 26.02
C LEU B 11 -5.36 30.02 25.39
N VAL B 12 -6.44 29.26 25.48
CA VAL B 12 -7.72 29.69 24.93
C VAL B 12 -8.82 29.00 25.69
N GLN B 13 -9.95 29.72 25.91
CA GLN B 13 -11.08 29.10 26.58
C GLN B 13 -11.91 28.31 25.57
N PRO B 14 -12.62 27.28 26.02
CA PRO B 14 -13.42 26.49 25.08
C PRO B 14 -14.41 27.39 24.35
N GLY B 15 -14.55 27.15 23.05
CA GLY B 15 -15.25 28.06 22.16
C GLY B 15 -14.36 29.07 21.48
N GLY B 16 -13.15 29.28 22.00
CA GLY B 16 -12.27 30.30 21.47
C GLY B 16 -11.67 29.92 20.13
N SER B 17 -10.86 30.83 19.62
CA SER B 17 -10.19 30.65 18.34
C SER B 17 -8.69 30.85 18.51
N LEU B 18 -7.95 30.30 17.55
CA LEU B 18 -6.54 30.54 17.44
C LEU B 18 -6.19 30.42 15.98
N ARG B 19 -5.20 31.19 15.55
CA ARG B 19 -4.65 31.01 14.23
C ARG B 19 -3.22 30.56 14.40
N LEU B 20 -2.87 29.48 13.74
CA LEU B 20 -1.54 28.90 13.78
C LEU B 20 -0.88 29.22 12.46
N SER B 21 0.37 29.62 12.50
CA SER B 21 1.08 29.88 11.26
C SER B 21 2.30 28.98 11.21
N CYS B 22 2.73 28.69 9.99
CA CYS B 22 3.95 27.96 9.75
C CYS B 22 4.69 28.69 8.65
N ALA B 23 5.74 29.41 9.01
CA ALA B 23 6.54 30.13 8.05
C ALA B 23 7.63 29.19 7.56
N ALA B 24 7.81 29.13 6.24
CA ALA B 24 8.69 28.14 5.65
C ALA B 24 9.87 28.82 4.96
N SER B 25 10.96 28.09 4.91
CA SER B 25 12.24 28.50 4.35
C SER B 25 12.79 27.31 3.57
N GLY B 26 13.42 27.56 2.43
CA GLY B 26 14.12 26.50 1.71
C GLY B 26 13.25 25.64 0.81
N PHE B 27 12.00 26.01 0.61
CA PHE B 27 11.16 25.42 -0.42
C PHE B 27 10.01 26.41 -0.59
N THR B 28 9.26 26.26 -1.67
CA THR B 28 8.10 27.13 -1.87
C THR B 28 6.84 26.31 -1.64
N ILE B 29 6.05 26.71 -0.64
CA ILE B 29 4.89 25.92 -0.27
C ILE B 29 3.88 25.86 -1.40
N SER B 30 4.01 26.70 -2.42
CA SER B 30 3.06 26.69 -3.51
C SER B 30 3.16 25.41 -4.34
N ASN B 31 4.29 24.70 -4.29
CA ASN B 31 4.41 23.34 -4.83
C ASN B 31 4.40 22.27 -3.76
N ALA B 32 4.54 22.63 -2.49
CA ALA B 32 4.66 21.57 -1.51
C ALA B 32 3.27 21.11 -1.08
N ASP B 33 3.22 19.92 -0.51
CA ASP B 33 2.02 19.46 0.18
C ASP B 33 2.27 19.59 1.67
N MET B 34 1.43 20.33 2.37
CA MET B 34 1.68 20.63 3.77
C MET B 34 0.63 19.96 4.64
N ARG B 35 1.07 19.53 5.82
CA ARG B 35 0.20 18.85 6.76
C ARG B 35 0.29 19.46 8.15
N TRP B 36 -0.83 19.49 8.86
CA TRP B 36 -0.87 19.92 10.25
C TRP B 36 -1.15 18.69 11.10
N TYR B 37 -0.23 18.35 11.97
CA TYR B 37 -0.45 17.32 12.96
C TYR B 37 -0.62 17.95 14.32
N ARG B 38 -1.24 17.19 15.22
CA ARG B 38 -1.22 17.55 16.63
C ARG B 38 -0.90 16.31 17.45
N GLN B 39 -0.28 16.54 18.61
CA GLN B 39 0.17 15.48 19.50
C GLN B 39 -0.29 15.79 20.91
N ALA B 40 -1.32 15.09 21.39
CA ALA B 40 -1.61 15.24 22.81
C ALA B 40 -0.69 14.33 23.62
N PRO B 41 -0.41 14.67 24.88
CA PRO B 41 0.40 13.76 25.70
C PRO B 41 -0.33 12.45 25.92
N GLY B 42 0.43 11.36 25.86
CA GLY B 42 -0.14 10.02 25.96
C GLY B 42 -0.70 9.50 24.66
N LYS B 43 -1.54 10.30 23.99
CA LYS B 43 -2.14 9.90 22.73
C LYS B 43 -1.10 9.93 21.61
N GLU B 44 -1.50 9.45 20.45
CA GLU B 44 -0.63 9.37 19.30
C GLU B 44 -0.75 10.63 18.45
N ARG B 45 0.28 10.88 17.63
CA ARG B 45 0.25 11.98 16.66
C ARG B 45 -0.90 11.79 15.68
N GLU B 46 -1.86 12.71 15.66
CA GLU B 46 -2.98 12.58 14.75
C GLU B 46 -2.90 13.66 13.67
N LEU B 47 -3.09 13.25 12.41
CA LEU B 47 -3.11 14.18 11.30
C LEU B 47 -4.43 14.94 11.31
N VAL B 48 -4.35 16.26 11.11
CA VAL B 48 -5.47 17.13 11.37
C VAL B 48 -5.95 17.85 10.11
N ALA B 49 -5.02 18.29 9.26
CA ALA B 49 -5.45 18.99 8.06
C ALA B 49 -4.33 18.92 7.03
N LEU B 50 -4.72 18.97 5.75
CA LEU B 50 -3.73 18.98 4.69
C LEU B 50 -4.08 20.04 3.66
N LEU B 51 -3.05 20.63 3.07
CA LEU B 51 -3.17 21.42 1.84
C LEU B 51 -2.30 20.76 0.78
N LEU B 52 -2.91 20.31 -0.31
CA LEU B 52 -2.22 19.47 -1.29
C LEU B 52 -2.01 20.24 -2.59
N SER B 53 -0.78 20.66 -2.82
CA SER B 53 -0.44 21.18 -4.15
C SER B 53 -0.65 20.11 -5.21
N SER B 54 -0.37 18.84 -4.85
CA SER B 54 -0.61 17.75 -5.79
C SER B 54 -2.06 17.73 -6.27
N LEU B 55 -2.98 18.21 -5.44
CA LEU B 55 -4.40 18.25 -5.80
C LEU B 55 -4.84 19.63 -6.27
N GLY B 56 -3.90 20.52 -6.60
CA GLY B 56 -4.24 21.83 -7.13
C GLY B 56 -4.54 22.85 -6.06
N GLY B 57 -4.16 22.55 -4.83
CA GLY B 57 -4.42 23.41 -3.71
C GLY B 57 -5.53 22.95 -2.80
N SER B 58 -6.09 21.76 -3.01
CA SER B 58 -7.21 21.37 -2.17
C SER B 58 -6.79 21.16 -0.74
N THR B 59 -7.82 21.04 0.08
CA THR B 59 -7.73 21.10 1.52
C THR B 59 -8.52 19.91 2.04
N GLU B 60 -8.02 19.26 3.07
CA GLU B 60 -8.61 18.06 3.63
C GLU B 60 -8.46 18.13 5.14
N TYR B 61 -9.49 17.68 5.87
CA TYR B 61 -9.51 17.80 7.31
C TYR B 61 -9.91 16.49 7.96
N ALA B 62 -9.31 16.20 9.10
CA ALA B 62 -9.73 15.06 9.89
C ALA B 62 -11.18 15.24 10.33
N ASP B 63 -11.86 14.12 10.60
CA ASP B 63 -13.29 14.21 10.91
C ASP B 63 -13.52 15.04 12.17
N SER B 64 -12.67 14.88 13.18
CA SER B 64 -12.86 15.60 14.44
C SER B 64 -12.82 17.11 14.22
N VAL B 65 -11.90 17.59 13.38
CA VAL B 65 -11.77 19.03 13.20
C VAL B 65 -12.54 19.59 12.01
N LYS B 66 -13.10 18.73 11.14
CA LYS B 66 -13.86 19.23 9.98
C LYS B 66 -14.89 20.25 10.40
N GLY B 67 -14.91 21.37 9.69
CA GLY B 67 -15.87 22.41 9.96
C GLY B 67 -15.48 23.42 11.01
N ARG B 68 -14.38 23.21 11.71
CA ARG B 68 -13.89 24.17 12.69
C ARG B 68 -12.50 24.65 12.36
N PHE B 69 -11.67 23.79 11.82
CA PHE B 69 -10.34 24.18 11.41
C PHE B 69 -10.34 24.53 9.93
N THR B 70 -9.53 25.51 9.57
CA THR B 70 -9.38 25.87 8.17
C THR B 70 -7.92 26.05 7.88
N MET B 71 -7.42 25.33 6.89
CA MET B 71 -6.04 25.42 6.45
C MET B 71 -6.01 26.26 5.20
N PHE B 72 -4.98 27.11 5.08
CA PHE B 72 -4.82 27.94 3.90
C PHE B 72 -3.38 28.42 3.86
N ARG B 73 -3.00 28.99 2.73
CA ARG B 73 -1.61 29.38 2.55
C ARG B 73 -1.57 30.79 1.99
N ASP B 74 -0.46 31.45 2.23
CA ASP B 74 -0.15 32.73 1.58
C ASP B 74 1.10 32.44 0.76
N ASN B 75 0.94 32.21 -0.55
CA ASN B 75 2.10 31.93 -1.38
C ASN B 75 3.10 33.06 -1.33
N ALA B 76 2.63 34.31 -1.43
CA ALA B 76 3.54 35.46 -1.35
C ALA B 76 4.39 35.41 -0.08
N ARG B 77 3.78 35.06 1.03
CA ARG B 77 4.44 35.00 2.33
C ARG B 77 5.12 33.65 2.62
N ASN B 78 5.02 32.68 1.72
CA ASN B 78 5.53 31.33 1.93
C ASN B 78 5.20 30.80 3.33
N THR B 79 3.93 30.94 3.69
CA THR B 79 3.46 30.59 5.02
C THR B 79 2.15 29.83 4.90
N VAL B 80 1.98 28.83 5.74
CA VAL B 80 0.73 28.09 5.73
C VAL B 80 0.08 28.28 7.09
N TYR B 81 -1.25 28.20 7.14
CA TYR B 81 -2.00 28.57 8.32
C TYR B 81 -2.97 27.47 8.73
N LEU B 82 -3.31 27.46 10.00
CA LEU B 82 -4.42 26.67 10.49
C LEU B 82 -5.28 27.54 11.39
N GLN B 83 -6.44 27.95 10.88
CA GLN B 83 -7.42 28.70 11.65
C GLN B 83 -8.25 27.70 12.43
N MET B 84 -8.21 27.77 13.74
CA MET B 84 -8.98 26.86 14.57
C MET B 84 -10.07 27.60 15.30
N ASP B 85 -11.32 27.28 14.99
CA ASP B 85 -12.48 27.90 15.61
C ASP B 85 -13.19 26.90 16.50
N ASN B 86 -14.00 27.46 17.40
CA ASN B 86 -14.85 26.68 18.30
C ASN B 86 -14.04 25.55 18.96
N LEU B 87 -12.94 25.92 19.59
CA LEU B 87 -12.00 24.96 20.14
C LEU B 87 -12.61 24.20 21.32
N LYS B 88 -12.33 22.90 21.39
CA LYS B 88 -12.79 22.02 22.45
C LYS B 88 -11.60 21.58 23.28
N ALA B 89 -11.88 21.01 24.46
CA ALA B 89 -10.82 20.51 25.31
C ALA B 89 -9.96 19.50 24.58
N GLU B 90 -10.57 18.65 23.74
CA GLU B 90 -9.84 17.62 23.02
C GLU B 90 -8.94 18.19 21.94
N ASP B 91 -8.95 19.50 21.74
CA ASP B 91 -8.01 20.09 20.82
C ASP B 91 -6.68 20.44 21.48
N THR B 92 -6.61 20.35 22.81
CA THR B 92 -5.36 20.57 23.50
C THR B 92 -4.32 19.56 23.05
N ALA B 93 -3.19 20.07 22.59
CA ALA B 93 -2.11 19.27 22.01
C ALA B 93 -1.02 20.23 21.60
N VAL B 94 0.14 19.66 21.28
CA VAL B 94 1.17 20.37 20.53
C VAL B 94 0.87 20.18 19.05
N TYR B 95 0.76 21.30 18.33
CA TYR B 95 0.44 21.24 16.92
C TYR B 95 1.73 21.33 16.12
N TYR B 96 1.86 20.47 15.13
CA TYR B 96 3.05 20.50 14.30
C TYR B 96 2.67 20.75 12.85
N CYS B 97 3.62 21.35 12.18
CA CYS B 97 3.51 21.69 10.78
C CYS B 97 4.54 20.84 10.06
N ASN B 98 4.14 20.19 8.97
CA ASN B 98 5.04 19.23 8.35
C ASN B 98 4.92 19.28 6.83
N VAL B 99 6.03 19.06 6.14
CA VAL B 99 6.04 18.87 4.69
C VAL B 99 5.82 17.39 4.38
N ARG B 100 4.79 17.10 3.59
CA ARG B 100 4.44 15.72 3.28
C ARG B 100 5.64 14.97 2.70
N TRP B 101 5.84 13.73 3.15
CA TRP B 101 6.92 12.85 2.70
C TRP B 101 8.30 13.30 3.19
N THR B 102 8.39 14.11 4.24
CA THR B 102 9.70 14.58 4.68
C THR B 102 9.75 14.57 6.19
N ASP B 103 10.97 14.59 6.73
CA ASP B 103 11.15 14.82 8.16
C ASP B 103 11.26 16.29 8.50
N TYR B 104 10.76 17.15 7.64
CA TYR B 104 10.74 18.58 7.88
C TYR B 104 9.53 18.87 8.78
N TRP B 105 9.80 19.18 10.04
CA TRP B 105 8.76 19.49 11.01
C TRP B 105 9.04 20.85 11.62
N GLY B 106 7.96 21.54 11.95
CA GLY B 106 8.10 22.70 12.76
C GLY B 106 8.50 22.32 14.16
N GLN B 107 8.92 23.34 14.89
CA GLN B 107 9.23 23.23 16.31
C GLN B 107 8.05 22.70 17.11
N GLY B 108 6.84 22.92 16.60
CA GLY B 108 5.65 22.65 17.37
C GLY B 108 5.22 23.89 18.12
N THR B 109 3.91 24.13 18.18
CA THR B 109 3.32 25.15 19.03
C THR B 109 2.28 24.51 19.94
N GLN B 110 2.18 25.01 21.16
CA GLN B 110 1.28 24.43 22.16
C GLN B 110 -0.09 25.12 22.13
N VAL B 111 -1.14 24.33 21.98
CA VAL B 111 -2.51 24.80 22.08
C VAL B 111 -3.09 24.18 23.34
N THR B 112 -3.50 25.01 24.28
CA THR B 112 -4.16 24.55 25.49
C THR B 112 -5.54 25.18 25.60
N VAL B 113 -6.56 24.34 25.74
CA VAL B 113 -7.95 24.77 25.89
C VAL B 113 -8.41 24.39 27.29
N SER B 114 -8.81 25.38 28.07
CA SER B 114 -9.33 25.07 29.40
C SER B 114 -10.19 26.23 29.88
N SER B 115 -11.16 25.90 30.72
CA SER B 115 -12.06 26.90 31.35
C SER B 115 -11.59 27.40 32.75
#